data_4A8E
#
_entry.id   4A8E
#
_cell.length_a   92.670
_cell.length_b   157.290
_cell.length_c   45.550
_cell.angle_alpha   90.00
_cell.angle_beta   90.00
_cell.angle_gamma   90.00
#
_symmetry.space_group_name_H-M   'C 2 2 2'
#
loop_
_entity.id
_entity.type
_entity.pdbx_description
1 polymer 'PROBABLE TYROSINE RECOMBINASE XERC-LIKE'
2 non-polymer 'SULFATE ION'
3 non-polymer 'CHLORIDE ION'
4 non-polymer 1,2-ETHANEDIOL
5 water water
#
_entity_poly.entity_id   1
_entity_poly.type   'polypeptide(L)'
_entity_poly.pdbx_seq_one_letter_code
;MEEREERVRDDTIEEFATYLELEGKSRNTVRMYTYYISKFFEEGHSPTARDALRFLAKLKRKGYSTRSLNLVIQALKAYF
KFEGLDSEAEKLKTPKMPKTLPKSLTEEEVRRIINAAETLRDRLILLLLYGAGLRVSELCNLRVEDVNFEYGVIVVRGGK
GGKDRVVPISESLLSEIKRYLESRNDDSPYLFVEMKRKRKDKLSPKTVWRLVKKYGRKAGVELTPHQLRHSFATHMLERG
IDIRIIQELLGHSNLSTTQIYTKVSTKHLKEAVKKAKLVESIIGGSHHHHHH
;
_entity_poly.pdbx_strand_id   A
#
loop_
_chem_comp.id
_chem_comp.type
_chem_comp.name
_chem_comp.formula
CL non-polymer 'CHLORIDE ION' 'Cl -1'
EDO non-polymer 1,2-ETHANEDIOL 'C2 H6 O2'
SO4 non-polymer 'SULFATE ION' 'O4 S -2'
#
# COMPACT_ATOMS: atom_id res chain seq x y z
N ARG A 9 -7.20 11.20 -35.29
CA ARG A 9 -6.86 9.76 -35.49
C ARG A 9 -5.38 9.51 -35.22
N ASP A 10 -4.53 10.10 -36.07
CA ASP A 10 -3.07 9.91 -36.02
C ASP A 10 -2.30 11.20 -35.75
N ASP A 11 -2.91 12.34 -36.11
CA ASP A 11 -2.33 13.65 -35.83
C ASP A 11 -2.12 13.87 -34.34
N THR A 12 -2.90 13.17 -33.53
CA THR A 12 -2.68 13.07 -32.08
C THR A 12 -1.25 12.63 -31.71
N ILE A 13 -0.75 11.61 -32.41
CA ILE A 13 0.55 10.99 -32.07
C ILE A 13 1.67 11.96 -32.44
N GLU A 14 1.55 12.61 -33.58
CA GLU A 14 2.44 13.72 -33.94
C GLU A 14 2.54 14.74 -32.81
N GLU A 15 1.38 15.08 -32.24
CA GLU A 15 1.31 16.02 -31.13
C GLU A 15 1.90 15.45 -29.85
N PHE A 16 1.59 14.17 -29.59
CA PHE A 16 2.15 13.48 -28.42
C PHE A 16 3.65 13.53 -28.43
N ALA A 17 4.27 13.42 -29.61
CA ALA A 17 5.74 13.46 -29.72
C ALA A 17 6.33 14.81 -29.36
N THR A 18 5.82 15.90 -29.92
CA THR A 18 6.30 17.23 -29.50
C THR A 18 6.04 17.46 -28.01
N TYR A 19 4.88 16.99 -27.52
CA TYR A 19 4.58 16.94 -26.08
C TYR A 19 5.80 16.47 -25.29
N LEU A 20 6.33 15.31 -25.69
CA LEU A 20 7.50 14.73 -25.04
C LEU A 20 8.76 15.53 -25.29
N GLU A 21 8.98 16.02 -26.52
CA GLU A 21 10.10 16.90 -26.79
C GLU A 21 10.13 17.97 -25.71
N LEU A 22 8.98 18.63 -25.51
CA LEU A 22 8.89 19.77 -24.59
C LEU A 22 9.04 19.35 -23.14
N GLU A 23 8.62 18.14 -22.80
CA GLU A 23 8.84 17.65 -21.46
C GLU A 23 10.30 17.30 -21.21
N GLY A 24 11.16 17.54 -22.21
CA GLY A 24 12.60 17.22 -22.14
C GLY A 24 13.01 15.80 -22.54
N LYS A 25 12.15 15.07 -23.25
CA LYS A 25 12.47 13.68 -23.67
C LYS A 25 13.45 13.62 -24.84
N SER A 26 14.32 12.64 -24.82
CA SER A 26 15.34 12.48 -25.84
C SER A 26 14.69 12.10 -27.17
N ARG A 27 15.11 12.77 -28.25
CA ARG A 27 14.56 12.50 -29.60
C ARG A 27 14.60 11.02 -30.06
N ASN A 28 15.44 10.22 -29.43
CA ASN A 28 15.43 8.79 -29.70
C ASN A 28 14.38 8.05 -28.88
N THR A 29 14.17 8.51 -27.65
CA THR A 29 13.17 7.92 -26.78
C THR A 29 11.80 8.21 -27.40
N VAL A 30 11.59 9.47 -27.75
CA VAL A 30 10.44 9.90 -28.51
C VAL A 30 10.27 9.03 -29.74
N ARG A 31 11.33 8.83 -30.51
CA ARG A 31 11.26 7.91 -31.64
C ARG A 31 10.67 6.58 -31.18
N MET A 32 11.24 6.03 -30.12
CA MET A 32 10.82 4.71 -29.65
C MET A 32 9.37 4.71 -29.17
N TYR A 33 9.04 5.58 -28.23
CA TYR A 33 7.66 5.63 -27.70
C TYR A 33 6.68 5.66 -28.84
N THR A 34 6.78 6.70 -29.65
CA THR A 34 5.96 6.87 -30.82
C THR A 34 5.90 5.58 -31.61
N TYR A 35 7.04 4.93 -31.77
CA TYR A 35 7.06 3.68 -32.50
C TYR A 35 6.06 2.71 -31.93
N TYR A 36 6.26 2.32 -30.67
CA TYR A 36 5.40 1.34 -29.98
C TYR A 36 3.92 1.75 -29.84
N ILE A 37 3.67 3.02 -29.55
CA ILE A 37 2.30 3.54 -29.47
C ILE A 37 1.57 3.29 -30.79
N SER A 38 2.22 3.64 -31.89
CA SER A 38 1.59 3.43 -33.19
C SER A 38 1.25 1.98 -33.38
N LYS A 39 2.23 1.11 -33.07
CA LYS A 39 2.08 -0.32 -33.22
C LYS A 39 0.90 -0.82 -32.41
N PHE A 40 0.81 -0.34 -31.18
CA PHE A 40 -0.25 -0.67 -30.23
C PHE A 40 -1.62 -0.47 -30.86
N PHE A 41 -1.87 0.72 -31.36
CA PHE A 41 -3.14 1.01 -31.99
C PHE A 41 -3.29 0.35 -33.36
N GLU A 42 -2.18 -0.03 -33.99
CA GLU A 42 -2.24 -0.77 -35.26
C GLU A 42 -2.88 -2.16 -35.05
N GLU A 43 -2.45 -2.87 -34.01
CA GLU A 43 -3.07 -4.14 -33.63
C GLU A 43 -4.58 -3.99 -33.61
N GLY A 44 -5.03 -2.91 -32.98
CA GLY A 44 -6.43 -2.70 -32.67
C GLY A 44 -6.73 -2.60 -31.17
N HIS A 45 -5.69 -2.73 -30.33
CA HIS A 45 -5.82 -2.54 -28.87
C HIS A 45 -6.49 -1.21 -28.50
N SER A 46 -7.29 -1.24 -27.42
CA SER A 46 -8.03 -0.06 -26.96
C SER A 46 -7.31 0.53 -25.75
N PRO A 47 -7.44 1.86 -25.57
CA PRO A 47 -6.58 2.65 -24.67
C PRO A 47 -6.70 2.39 -23.15
N THR A 48 -6.52 1.14 -22.73
CA THR A 48 -6.80 0.73 -21.37
C THR A 48 -5.57 0.08 -20.78
N ALA A 49 -5.60 -0.21 -19.48
CA ALA A 49 -4.48 -0.89 -18.84
C ALA A 49 -4.51 -2.39 -19.13
N ARG A 50 -5.62 -2.91 -19.61
CA ARG A 50 -5.72 -4.34 -19.87
C ARG A 50 -5.11 -4.67 -21.19
N ASP A 51 -5.49 -3.93 -22.21
CA ASP A 51 -4.96 -4.14 -23.55
C ASP A 51 -3.48 -3.76 -23.64
N ALA A 52 -3.02 -2.87 -22.76
CA ALA A 52 -1.59 -2.63 -22.59
C ALA A 52 -0.88 -3.96 -22.30
N LEU A 53 -1.28 -4.60 -21.21
CA LEU A 53 -0.71 -5.88 -20.75
C LEU A 53 -0.87 -7.05 -21.76
N ARG A 54 -2.02 -7.09 -22.44
CA ARG A 54 -2.29 -8.09 -23.46
C ARG A 54 -1.46 -7.81 -24.74
N PHE A 55 -0.95 -6.58 -24.85
CA PHE A 55 0.01 -6.17 -25.88
C PHE A 55 1.44 -6.44 -25.41
N LEU A 56 1.75 -6.14 -24.14
CA LEU A 56 3.10 -6.31 -23.59
C LEU A 56 3.57 -7.76 -23.55
N ALA A 57 2.80 -8.65 -22.94
CA ALA A 57 3.21 -10.06 -22.86
C ALA A 57 3.29 -10.76 -24.23
N LYS A 58 2.58 -10.25 -25.26
CA LYS A 58 2.77 -10.75 -26.63
C LYS A 58 4.19 -10.45 -27.05
N LEU A 59 4.61 -9.21 -26.85
CA LEU A 59 6.00 -8.83 -27.12
C LEU A 59 6.92 -9.77 -26.35
N LYS A 60 6.72 -9.90 -25.03
CA LYS A 60 7.57 -10.76 -24.19
C LYS A 60 7.75 -12.15 -24.81
N ARG A 61 6.64 -12.78 -25.20
CA ARG A 61 6.71 -14.11 -25.83
C ARG A 61 7.39 -14.06 -27.22
N LYS A 62 7.33 -12.91 -27.87
CA LYS A 62 8.04 -12.66 -29.14
C LYS A 62 9.55 -12.38 -28.90
N GLY A 63 9.95 -12.29 -27.63
CA GLY A 63 11.34 -12.03 -27.24
C GLY A 63 11.73 -10.56 -27.25
N TYR A 64 11.40 -9.85 -26.17
CA TYR A 64 11.81 -8.45 -25.96
C TYR A 64 12.52 -8.34 -24.62
N SER A 65 13.54 -7.48 -24.55
CA SER A 65 14.32 -7.33 -23.32
C SER A 65 13.43 -6.83 -22.17
N THR A 66 14.00 -6.82 -20.96
CA THR A 66 13.36 -6.22 -19.79
C THR A 66 13.35 -4.70 -19.92
N ARG A 67 14.52 -4.15 -20.22
CA ARG A 67 14.68 -2.72 -20.47
C ARG A 67 13.78 -2.32 -21.62
N SER A 68 13.66 -3.23 -22.59
CA SER A 68 12.78 -3.05 -23.74
C SER A 68 11.31 -3.02 -23.32
N LEU A 69 10.90 -3.96 -22.47
CA LEU A 69 9.53 -3.97 -21.98
C LEU A 69 9.28 -2.76 -21.10
N ASN A 70 10.19 -2.48 -20.18
CA ASN A 70 10.05 -1.33 -19.30
C ASN A 70 9.82 -0.06 -20.07
N LEU A 71 10.45 0.03 -21.23
CA LEU A 71 10.30 1.18 -22.09
C LEU A 71 8.90 1.23 -22.70
N VAL A 72 8.44 0.11 -23.23
CA VAL A 72 7.10 0.06 -23.81
C VAL A 72 6.07 0.47 -22.75
N ILE A 73 6.12 -0.19 -21.60
CA ILE A 73 5.28 0.15 -20.45
C ILE A 73 5.22 1.65 -20.28
N GLN A 74 6.37 2.28 -20.09
CA GLN A 74 6.42 3.70 -19.78
C GLN A 74 5.95 4.57 -20.96
N ALA A 75 6.12 4.07 -22.19
CA ALA A 75 5.60 4.74 -23.35
C ALA A 75 4.08 4.83 -23.28
N LEU A 76 3.44 3.72 -22.93
CA LEU A 76 1.98 3.66 -22.87
C LEU A 76 1.52 4.56 -21.77
N LYS A 77 2.17 4.42 -20.62
CA LYS A 77 1.82 5.20 -19.44
C LYS A 77 1.85 6.70 -19.75
N ALA A 78 2.92 7.18 -20.37
CA ALA A 78 3.03 8.58 -20.80
C ALA A 78 1.91 9.01 -21.75
N TYR A 79 1.50 8.09 -22.61
CA TYR A 79 0.44 8.35 -23.56
C TYR A 79 -0.92 8.50 -22.90
N PHE A 80 -1.19 7.60 -21.98
CA PHE A 80 -2.42 7.64 -21.21
C PHE A 80 -2.54 8.96 -20.49
N LYS A 81 -1.50 9.38 -19.78
CA LYS A 81 -1.49 10.73 -19.17
C LYS A 81 -1.89 11.82 -20.18
N PHE A 82 -1.49 11.64 -21.43
CA PHE A 82 -1.76 12.59 -22.48
C PHE A 82 -3.21 12.51 -22.94
N GLU A 83 -3.71 11.30 -23.16
CA GLU A 83 -5.14 11.10 -23.42
C GLU A 83 -5.95 11.61 -22.23
N GLY A 84 -5.31 11.71 -21.07
CA GLY A 84 -5.96 12.12 -19.84
C GLY A 84 -6.51 10.95 -19.03
N LEU A 85 -6.46 9.75 -19.61
CA LEU A 85 -6.89 8.54 -18.93
C LEU A 85 -5.94 8.19 -17.75
N ASP A 86 -5.92 9.03 -16.69
CA ASP A 86 -5.02 8.77 -15.55
C ASP A 86 -5.46 7.59 -14.67
N SER A 87 -6.71 7.15 -14.84
CA SER A 87 -7.21 5.92 -14.23
C SER A 87 -6.36 4.74 -14.71
N GLU A 88 -6.44 4.45 -16.01
CA GLU A 88 -5.67 3.34 -16.60
C GLU A 88 -4.16 3.54 -16.46
N ALA A 89 -3.72 4.78 -16.23
CA ALA A 89 -2.30 5.12 -16.26
C ALA A 89 -1.52 4.51 -15.10
N GLU A 90 -2.02 4.67 -13.88
CA GLU A 90 -1.29 4.17 -12.69
C GLU A 90 -1.48 2.68 -12.48
N LYS A 91 -2.57 2.12 -12.97
CA LYS A 91 -2.76 0.66 -13.04
C LYS A 91 -1.53 -0.06 -13.60
N LEU A 92 -0.94 0.54 -14.64
CA LEU A 92 0.33 0.08 -15.20
C LEU A 92 1.47 0.47 -14.29
N LYS A 93 1.78 -0.37 -13.31
CA LYS A 93 3.08 -0.27 -12.68
C LYS A 93 3.74 -1.62 -12.86
N THR A 94 5.04 -1.60 -13.13
CA THR A 94 5.79 -2.81 -13.43
C THR A 94 5.92 -3.58 -12.11
N PRO A 95 5.18 -4.71 -11.97
CA PRO A 95 5.10 -5.37 -10.66
C PRO A 95 6.47 -5.64 -10.04
N LYS A 96 6.62 -5.26 -8.78
CA LYS A 96 7.89 -5.38 -8.05
C LYS A 96 8.39 -6.83 -7.96
N MET A 97 9.72 -7.01 -7.96
CA MET A 97 10.34 -8.33 -7.78
C MET A 97 9.93 -8.91 -6.43
N PRO A 98 9.17 -10.03 -6.42
CA PRO A 98 8.71 -10.60 -5.16
C PRO A 98 9.81 -11.29 -4.34
N LYS A 99 10.15 -10.72 -3.17
CA LYS A 99 11.07 -11.40 -2.24
C LYS A 99 10.35 -12.44 -1.38
N THR A 100 11.12 -13.42 -0.94
CA THR A 100 10.66 -14.36 0.09
C THR A 100 10.87 -13.68 1.42
N LEU A 101 10.04 -14.00 2.40
CA LEU A 101 10.05 -13.27 3.64
C LEU A 101 10.53 -14.17 4.76
N PRO A 102 10.97 -13.55 5.88
CA PRO A 102 11.27 -14.35 7.08
C PRO A 102 10.05 -15.16 7.51
N LYS A 103 10.27 -16.23 8.27
CA LYS A 103 9.15 -17.04 8.69
C LYS A 103 8.18 -16.12 9.43
N SER A 104 6.90 -16.43 9.24
CA SER A 104 5.82 -15.69 9.87
C SER A 104 5.99 -15.84 11.40
N LEU A 105 5.57 -14.80 12.12
CA LEU A 105 5.62 -14.75 13.58
C LEU A 105 4.44 -15.47 14.19
N THR A 106 4.59 -15.84 15.46
CA THR A 106 3.57 -16.61 16.17
C THR A 106 2.72 -15.68 17.06
N GLU A 107 1.62 -16.17 17.63
CA GLU A 107 0.89 -15.35 18.60
C GLU A 107 1.75 -15.02 19.80
N GLU A 108 2.53 -16.00 20.24
CA GLU A 108 3.38 -15.80 21.41
C GLU A 108 4.36 -14.67 21.15
N GLU A 109 5.03 -14.71 20.00
CA GLU A 109 5.98 -13.67 19.64
C GLU A 109 5.30 -12.31 19.50
N VAL A 110 4.14 -12.29 18.87
CA VAL A 110 3.46 -11.02 18.71
C VAL A 110 3.15 -10.47 20.10
N ARG A 111 2.57 -11.29 20.98
CA ARG A 111 2.31 -10.87 22.37
C ARG A 111 3.52 -10.27 23.07
N ARG A 112 4.69 -10.90 22.89
CA ARG A 112 5.90 -10.48 23.58
C ARG A 112 6.37 -9.13 23.04
N ILE A 113 6.13 -8.87 21.75
CA ILE A 113 6.55 -7.64 21.09
C ILE A 113 5.62 -6.52 21.49
N ILE A 114 4.32 -6.76 21.39
CA ILE A 114 3.32 -5.80 21.86
C ILE A 114 3.62 -5.36 23.29
N ASN A 115 3.73 -6.33 24.19
CA ASN A 115 3.93 -6.11 25.62
C ASN A 115 5.23 -5.46 25.97
N ALA A 116 6.19 -5.49 25.06
CA ALA A 116 7.44 -4.77 25.29
C ALA A 116 7.31 -3.23 25.20
N ALA A 117 6.17 -2.71 24.80
CA ALA A 117 6.04 -1.26 24.54
C ALA A 117 6.31 -0.44 25.79
N GLU A 118 7.13 0.59 25.63
CA GLU A 118 7.40 1.58 26.68
C GLU A 118 6.18 2.47 26.87
N THR A 119 5.72 3.08 25.78
CA THR A 119 4.56 3.97 25.78
C THR A 119 3.35 3.44 25.03
N LEU A 120 2.19 3.98 25.36
CA LEU A 120 0.95 3.70 24.65
C LEU A 120 1.09 4.00 23.16
N ARG A 121 1.71 5.11 22.82
CA ARG A 121 1.87 5.44 21.42
C ARG A 121 2.57 4.30 20.72
N ASP A 122 3.71 3.86 21.28
CA ASP A 122 4.44 2.74 20.68
C ASP A 122 3.54 1.52 20.57
N ARG A 123 2.80 1.24 21.62
CA ARG A 123 1.92 0.11 21.60
C ARG A 123 0.95 0.25 20.43
N LEU A 124 0.30 1.39 20.29
CA LEU A 124 -0.71 1.55 19.24
C LEU A 124 -0.16 1.37 17.84
N ILE A 125 1.07 1.84 17.63
CA ILE A 125 1.76 1.62 16.36
C ILE A 125 1.87 0.11 16.04
N LEU A 126 2.50 -0.62 16.97
CA LEU A 126 2.64 -2.04 16.82
C LEU A 126 1.28 -2.66 16.59
N LEU A 127 0.33 -2.35 17.47
CA LEU A 127 -0.98 -2.95 17.36
C LEU A 127 -1.64 -2.66 16.04
N LEU A 128 -1.39 -1.48 15.46
CA LEU A 128 -2.01 -1.17 14.16
C LEU A 128 -1.32 -1.90 13.02
N LEU A 129 0.00 -1.71 12.92
CA LEU A 129 0.82 -2.44 11.95
C LEU A 129 0.47 -3.93 11.86
N TYR A 130 0.05 -4.53 12.97
CA TYR A 130 -0.26 -5.94 12.97
C TYR A 130 -1.75 -6.26 12.99
N GLY A 131 -2.49 -5.62 13.88
CA GLY A 131 -3.92 -5.89 14.00
C GLY A 131 -4.65 -5.35 12.81
N ALA A 132 -4.10 -4.30 12.21
CA ALA A 132 -4.65 -3.79 10.98
C ALA A 132 -3.73 -4.03 9.76
N GLY A 133 -2.59 -4.70 9.98
CA GLY A 133 -1.68 -5.02 8.87
C GLY A 133 -1.30 -3.87 7.96
N LEU A 134 -1.15 -2.67 8.49
CA LEU A 134 -0.87 -1.52 7.64
C LEU A 134 0.52 -1.58 7.04
N ARG A 135 0.68 -0.93 5.91
CA ARG A 135 2.01 -0.72 5.40
C ARG A 135 2.60 0.39 6.27
N VAL A 136 3.93 0.54 6.28
CA VAL A 136 4.59 1.59 7.06
C VAL A 136 4.18 3.03 6.69
N SER A 137 3.97 3.25 5.40
CA SER A 137 3.60 4.57 4.89
C SER A 137 2.09 4.85 5.14
N GLU A 138 1.26 3.82 4.98
CA GLU A 138 -0.13 3.99 5.32
C GLU A 138 -0.16 4.45 6.77
N LEU A 139 0.72 3.87 7.59
CA LEU A 139 0.73 4.22 9.01
C LEU A 139 1.27 5.62 9.20
N CYS A 140 2.48 5.86 8.72
CA CYS A 140 3.06 7.17 8.77
C CYS A 140 2.06 8.25 8.29
N ASN A 141 1.22 7.96 7.30
CA ASN A 141 0.27 8.96 6.76
C ASN A 141 -1.14 9.00 7.30
N LEU A 142 -1.57 7.93 7.94
CA LEU A 142 -2.94 7.88 8.45
C LEU A 142 -3.25 9.10 9.29
N ARG A 143 -4.29 9.84 8.87
CA ARG A 143 -4.74 11.04 9.58
C ARG A 143 -5.78 10.58 10.58
N VAL A 144 -5.77 11.20 11.76
CA VAL A 144 -6.65 10.77 12.86
C VAL A 144 -8.14 10.86 12.50
N GLU A 145 -8.53 11.86 11.71
CA GLU A 145 -9.87 11.89 11.13
C GLU A 145 -10.30 10.54 10.51
N ASP A 146 -9.37 9.74 10.02
CA ASP A 146 -9.73 8.46 9.37
C ASP A 146 -10.01 7.30 10.31
N VAL A 147 -9.81 7.51 11.60
CA VAL A 147 -10.22 6.54 12.60
C VAL A 147 -11.72 6.73 12.88
N ASN A 148 -12.55 5.89 12.27
CA ASN A 148 -14.01 6.08 12.28
C ASN A 148 -14.69 5.32 13.39
N PHE A 149 -15.02 6.01 14.47
CA PHE A 149 -15.52 5.29 15.66
C PHE A 149 -16.93 4.76 15.52
N GLU A 150 -17.77 5.39 14.69
CA GLU A 150 -19.16 4.95 14.52
C GLU A 150 -19.34 3.57 13.90
N TYR A 151 -18.49 3.25 12.90
CA TYR A 151 -18.51 1.98 12.16
C TYR A 151 -17.48 1.01 12.70
N GLY A 152 -16.49 1.53 13.42
CA GLY A 152 -15.48 0.71 14.06
C GLY A 152 -14.47 0.18 13.06
N VAL A 153 -13.98 1.08 12.22
CA VAL A 153 -13.01 0.76 11.19
C VAL A 153 -12.01 1.88 11.09
N ILE A 154 -10.80 1.55 10.66
CA ILE A 154 -9.87 2.51 10.05
C ILE A 154 -10.21 2.52 8.58
N VAL A 155 -10.21 3.73 8.00
CA VAL A 155 -10.19 3.91 6.55
C VAL A 155 -8.75 4.17 6.12
N VAL A 156 -8.15 3.25 5.38
CA VAL A 156 -6.80 3.51 4.84
C VAL A 156 -6.83 4.27 3.50
N ARG A 157 -6.49 5.57 3.58
CA ARG A 157 -6.48 6.44 2.41
C ARG A 157 -5.73 5.75 1.29
N GLY A 158 -6.32 5.74 0.09
CA GLY A 158 -5.64 5.24 -1.10
C GLY A 158 -4.49 6.18 -1.39
N GLY A 159 -3.33 5.64 -1.72
CA GLY A 159 -2.12 6.44 -1.84
C GLY A 159 -2.08 7.27 -3.11
N LYS A 160 -0.85 7.47 -3.62
CA LYS A 160 -0.59 8.33 -4.78
C LYS A 160 -1.58 8.12 -5.94
N GLY A 161 -1.82 6.86 -6.30
CA GLY A 161 -2.85 6.53 -7.30
C GLY A 161 -3.54 5.20 -7.07
N GLY A 162 -3.60 4.74 -5.81
CA GLY A 162 -4.24 3.47 -5.47
C GLY A 162 -5.72 3.64 -5.22
N LYS A 163 -6.27 2.83 -4.32
CA LYS A 163 -7.67 2.96 -3.93
C LYS A 163 -7.82 3.00 -2.41
N ASP A 164 -8.83 3.74 -1.94
CA ASP A 164 -9.18 3.75 -0.53
C ASP A 164 -9.53 2.37 -0.09
N ARG A 165 -9.41 2.14 1.22
CA ARG A 165 -9.58 0.83 1.78
C ARG A 165 -10.07 0.93 3.22
N VAL A 166 -10.78 -0.10 3.67
CA VAL A 166 -11.41 -0.04 4.99
C VAL A 166 -11.07 -1.24 5.88
N VAL A 167 -10.22 -1.03 6.88
CA VAL A 167 -9.87 -2.11 7.77
C VAL A 167 -10.66 -2.07 9.09
N PRO A 168 -11.62 -2.98 9.30
CA PRO A 168 -12.31 -3.02 10.60
C PRO A 168 -11.36 -3.30 11.75
N ILE A 169 -11.60 -2.69 12.92
CA ILE A 169 -10.78 -2.97 14.13
C ILE A 169 -11.63 -3.15 15.39
N SER A 170 -11.03 -3.66 16.46
CA SER A 170 -11.78 -4.01 17.67
C SER A 170 -12.08 -2.79 18.55
N GLU A 171 -12.96 -3.01 19.52
CA GLU A 171 -13.35 -1.97 20.46
C GLU A 171 -12.16 -1.71 21.35
N SER A 172 -11.49 -2.80 21.70
CA SER A 172 -10.29 -2.73 22.49
C SER A 172 -9.27 -1.76 21.88
N LEU A 173 -9.04 -1.88 20.57
CA LEU A 173 -8.07 -1.00 19.88
C LEU A 173 -8.63 0.41 19.80
N LEU A 174 -9.91 0.50 19.46
CA LEU A 174 -10.59 1.78 19.39
C LEU A 174 -10.51 2.48 20.72
N SER A 175 -10.61 1.72 21.81
CA SER A 175 -10.42 2.30 23.13
C SER A 175 -9.06 2.93 23.29
N GLU A 176 -7.99 2.15 23.16
CA GLU A 176 -6.66 2.69 23.40
C GLU A 176 -6.41 3.96 22.56
N ILE A 177 -6.94 3.98 21.34
CA ILE A 177 -6.79 5.14 20.48
C ILE A 177 -7.38 6.38 21.17
N LYS A 178 -8.64 6.29 21.60
CA LYS A 178 -9.28 7.35 22.35
C LYS A 178 -8.39 7.79 23.50
N ARG A 179 -8.07 6.85 24.36
CA ARG A 179 -7.22 7.15 25.49
C ARG A 179 -6.02 7.99 25.02
N TYR A 180 -5.35 7.53 23.98
CA TYR A 180 -4.13 8.19 23.47
C TYR A 180 -4.44 9.54 22.84
N LEU A 181 -5.54 9.63 22.10
CA LEU A 181 -5.89 10.91 21.51
C LEU A 181 -6.21 11.94 22.56
N GLU A 182 -6.95 11.56 23.60
CA GLU A 182 -7.25 12.47 24.70
C GLU A 182 -5.96 13.14 25.16
N SER A 183 -4.84 12.43 25.01
CA SER A 183 -3.56 12.86 25.58
C SER A 183 -2.68 13.70 24.65
N ARG A 184 -3.27 14.33 23.64
CA ARG A 184 -2.56 14.98 22.55
C ARG A 184 -2.72 16.49 22.51
N ASN A 185 -1.79 17.20 23.13
CA ASN A 185 -1.73 18.66 23.02
C ASN A 185 -1.00 19.17 21.76
N ASP A 186 -1.59 18.97 20.59
CA ASP A 186 -1.03 19.57 19.37
C ASP A 186 -2.10 19.70 18.33
N ASP A 187 -1.76 20.34 17.21
CA ASP A 187 -2.72 20.50 16.10
C ASP A 187 -2.27 19.78 14.82
N SER A 188 -1.49 18.72 14.98
CA SER A 188 -1.07 17.90 13.86
C SER A 188 -2.20 16.96 13.46
N PRO A 189 -2.56 16.93 12.17
CA PRO A 189 -3.59 16.03 11.62
C PRO A 189 -3.42 14.53 11.87
N TYR A 190 -2.22 14.11 12.24
CA TYR A 190 -1.84 12.72 12.12
C TYR A 190 -2.05 11.92 13.40
N LEU A 191 -2.40 10.65 13.24
CA LEU A 191 -2.61 9.77 14.38
C LEU A 191 -1.34 9.62 15.20
N PHE A 192 -0.17 9.61 14.56
CA PHE A 192 1.10 9.44 15.27
C PHE A 192 2.02 10.58 14.96
N VAL A 193 2.81 10.99 15.94
CA VAL A 193 3.74 12.10 15.76
C VAL A 193 5.02 11.86 16.54
N GLU A 194 6.13 12.42 16.06
CA GLU A 194 7.40 12.32 16.78
C GLU A 194 7.83 13.70 17.25
N MET A 195 8.46 13.72 18.42
CA MET A 195 8.91 14.97 19.04
C MET A 195 10.21 15.39 18.38
N LYS A 196 10.30 16.67 17.98
CA LYS A 196 11.55 17.23 17.46
C LYS A 196 11.79 18.62 18.08
N ARG A 197 12.87 19.28 17.66
CA ARG A 197 13.05 20.72 17.91
C ARG A 197 11.76 21.42 17.44
N LYS A 198 11.39 21.12 16.20
CA LYS A 198 10.13 21.57 15.63
C LYS A 198 9.04 20.68 16.24
N ARG A 199 8.59 21.03 17.44
CA ARG A 199 7.71 20.16 18.23
C ARG A 199 6.55 19.58 17.39
N LYS A 200 6.37 18.27 17.46
CA LYS A 200 5.20 17.56 16.91
C LYS A 200 4.91 17.68 15.40
N ASP A 201 5.77 17.02 14.60
CA ASP A 201 5.51 16.71 13.19
C ASP A 201 5.29 15.19 13.01
N LYS A 202 5.00 14.80 11.76
CA LYS A 202 4.87 13.39 11.31
C LYS A 202 6.09 12.41 11.43
N LEU A 203 5.78 11.13 11.65
CA LEU A 203 6.75 10.01 11.59
C LEU A 203 7.28 9.75 10.19
N SER A 204 8.60 9.54 10.10
CA SER A 204 9.27 8.94 8.94
C SER A 204 9.14 7.41 8.89
N PRO A 205 9.59 6.76 7.79
CA PRO A 205 9.66 5.28 7.84
C PRO A 205 10.84 4.77 8.63
N LYS A 206 11.95 5.51 8.60
CA LYS A 206 13.09 5.27 9.50
C LYS A 206 12.66 5.11 10.95
N THR A 207 11.73 5.97 11.39
CA THR A 207 11.32 6.01 12.78
C THR A 207 10.50 4.78 13.14
N VAL A 208 9.53 4.45 12.30
CA VAL A 208 8.80 3.22 12.51
C VAL A 208 9.81 2.06 12.50
N TRP A 209 10.80 2.10 11.62
CA TRP A 209 11.74 0.99 11.51
C TRP A 209 12.61 0.88 12.74
N ARG A 210 13.11 2.01 13.23
CA ARG A 210 13.94 2.04 14.45
C ARG A 210 13.17 1.45 15.60
N LEU A 211 11.96 1.97 15.75
CA LEU A 211 11.05 1.59 16.81
C LEU A 211 10.67 0.14 16.77
N VAL A 212 10.57 -0.46 15.59
CA VAL A 212 10.15 -1.87 15.48
C VAL A 212 11.28 -2.83 15.84
N LYS A 213 12.50 -2.45 15.50
CA LYS A 213 13.67 -3.23 15.89
C LYS A 213 13.87 -3.14 17.39
N LYS A 214 13.51 -2.00 17.99
CA LYS A 214 13.69 -1.83 19.41
C LYS A 214 12.93 -2.92 20.13
N TYR A 215 11.64 -2.97 19.87
CA TYR A 215 10.77 -3.91 20.54
C TYR A 215 11.05 -5.32 20.06
N GLY A 216 11.47 -5.45 18.81
CA GLY A 216 11.93 -6.72 18.29
C GLY A 216 13.08 -7.28 19.11
N ARG A 217 14.03 -6.43 19.49
CA ARG A 217 15.13 -6.86 20.33
C ARG A 217 14.66 -7.29 21.73
N LYS A 218 13.97 -6.39 22.43
CA LYS A 218 13.40 -6.71 23.75
C LYS A 218 12.62 -8.03 23.78
N ALA A 219 11.85 -8.33 22.74
CA ALA A 219 11.15 -9.61 22.71
C ALA A 219 12.03 -10.72 22.09
N GLY A 220 13.27 -10.37 21.73
CA GLY A 220 14.25 -11.36 21.27
C GLY A 220 14.10 -11.91 19.84
N VAL A 221 13.59 -11.09 18.92
CA VAL A 221 13.46 -11.50 17.50
C VAL A 221 13.99 -10.42 16.53
N GLU A 222 14.76 -10.81 15.52
CA GLU A 222 15.09 -9.87 14.43
C GLU A 222 13.78 -9.67 13.65
N LEU A 223 13.31 -8.41 13.66
CA LEU A 223 11.96 -8.02 13.24
C LEU A 223 11.95 -6.79 12.33
N THR A 224 10.94 -6.72 11.47
CA THR A 224 10.73 -5.58 10.59
C THR A 224 9.23 -5.29 10.50
N PRO A 225 8.89 -4.03 10.21
CA PRO A 225 7.47 -3.63 10.09
C PRO A 225 6.64 -4.57 9.24
N HIS A 226 7.22 -4.97 8.10
CA HIS A 226 6.57 -5.92 7.19
C HIS A 226 6.26 -7.24 7.84
N GLN A 227 7.13 -7.67 8.75
CA GLN A 227 6.96 -8.97 9.40
C GLN A 227 5.64 -8.93 10.14
N LEU A 228 5.31 -7.77 10.69
CA LEU A 228 4.04 -7.63 11.35
C LEU A 228 2.86 -7.67 10.37
N ARG A 229 2.92 -6.89 9.30
CA ARG A 229 1.86 -6.94 8.26
C ARG A 229 1.63 -8.33 7.73
N HIS A 230 2.73 -9.07 7.53
CA HIS A 230 2.69 -10.45 7.04
C HIS A 230 2.10 -11.45 8.00
N SER A 231 2.46 -11.37 9.29
CA SER A 231 1.81 -12.22 10.32
C SER A 231 0.33 -11.93 10.43
N PHE A 232 -0.04 -10.66 10.23
CA PHE A 232 -1.44 -10.31 10.09
C PHE A 232 -2.05 -11.20 9.02
N ALA A 233 -1.40 -11.23 7.85
CA ALA A 233 -1.86 -12.05 6.75
C ALA A 233 -1.98 -13.51 7.15
N THR A 234 -0.89 -14.06 7.68
CA THR A 234 -0.83 -15.47 8.04
C THR A 234 -1.97 -15.83 8.99
N HIS A 235 -2.06 -15.09 10.10
CA HIS A 235 -3.02 -15.41 11.15
C HIS A 235 -4.45 -15.19 10.74
N MET A 236 -4.71 -14.16 9.96
CA MET A 236 -6.04 -13.99 9.44
C MET A 236 -6.43 -15.28 8.76
N LEU A 237 -5.48 -15.85 8.00
CA LEU A 237 -5.72 -17.10 7.27
C LEU A 237 -5.75 -18.32 8.17
N GLU A 238 -4.79 -18.44 9.10
CA GLU A 238 -4.82 -19.57 10.02
C GLU A 238 -6.21 -19.69 10.62
N ARG A 239 -6.77 -18.55 10.99
CA ARG A 239 -8.09 -18.49 11.61
C ARG A 239 -9.27 -18.97 10.74
N GLY A 240 -9.05 -19.04 9.42
CA GLY A 240 -10.05 -19.60 8.52
C GLY A 240 -10.76 -18.55 7.70
N ILE A 241 -10.12 -17.40 7.51
CA ILE A 241 -10.72 -16.32 6.70
C ILE A 241 -10.26 -16.56 5.29
N ASP A 242 -11.19 -16.50 4.35
CA ASP A 242 -10.87 -16.78 2.98
C ASP A 242 -9.85 -15.78 2.49
N ILE A 243 -8.87 -16.32 1.78
CA ILE A 243 -7.74 -15.56 1.26
C ILE A 243 -8.14 -14.28 0.47
N ARG A 244 -9.32 -14.26 -0.14
CA ARG A 244 -9.71 -13.12 -0.99
C ARG A 244 -9.98 -11.87 -0.17
N ILE A 245 -10.82 -12.02 0.87
CA ILE A 245 -11.05 -10.95 1.88
C ILE A 245 -9.75 -10.41 2.49
N ILE A 246 -8.89 -11.32 2.92
CA ILE A 246 -7.58 -10.95 3.43
C ILE A 246 -6.82 -10.14 2.36
N GLN A 247 -6.87 -10.62 1.13
CA GLN A 247 -6.25 -9.92 0.03
C GLN A 247 -6.96 -8.57 -0.18
N GLU A 248 -8.24 -8.49 0.17
CA GLU A 248 -8.96 -7.20 0.16
C GLU A 248 -8.46 -6.25 1.26
N LEU A 249 -8.58 -6.70 2.49
CA LEU A 249 -8.11 -5.98 3.66
C LEU A 249 -6.71 -5.43 3.50
N LEU A 250 -5.87 -6.15 2.76
CA LEU A 250 -4.46 -5.76 2.55
C LEU A 250 -4.21 -4.84 1.37
N GLY A 251 -5.12 -4.83 0.40
CA GLY A 251 -5.00 -3.99 -0.78
C GLY A 251 -4.09 -4.56 -1.88
N HIS A 252 -2.78 -4.44 -1.66
CA HIS A 252 -1.73 -4.62 -2.70
C HIS A 252 -1.90 -3.72 -3.87
N THR A 258 -14.48 -8.73 -8.77
CA THR A 258 -14.51 -7.47 -8.05
C THR A 258 -15.70 -7.40 -7.08
N GLN A 259 -15.93 -8.50 -6.35
CA GLN A 259 -16.93 -8.55 -5.27
C GLN A 259 -16.32 -8.05 -3.94
N ILE A 260 -16.69 -6.84 -3.53
CA ILE A 260 -16.22 -6.25 -2.26
C ILE A 260 -17.42 -6.07 -1.32
N TYR A 261 -17.16 -5.80 -0.04
CA TYR A 261 -18.22 -5.59 0.96
C TYR A 261 -17.64 -4.85 2.15
N THR A 262 -18.50 -4.39 3.06
CA THR A 262 -18.01 -3.74 4.29
C THR A 262 -18.62 -4.27 5.62
N LYS A 263 -19.90 -4.63 5.62
CA LYS A 263 -20.51 -5.32 6.75
C LYS A 263 -20.11 -6.79 6.82
N VAL A 264 -19.39 -7.28 5.80
CA VAL A 264 -18.84 -8.64 5.82
C VAL A 264 -17.43 -8.54 6.38
N SER A 265 -16.72 -7.47 6.03
CA SER A 265 -15.38 -7.25 6.56
C SER A 265 -15.43 -7.13 8.08
N THR A 266 -16.28 -6.24 8.60
CA THR A 266 -16.46 -6.06 10.06
C THR A 266 -16.94 -7.37 10.70
N LYS A 267 -17.70 -8.16 9.95
CA LYS A 267 -18.14 -9.49 10.40
C LYS A 267 -17.02 -10.51 10.46
N HIS A 268 -16.28 -10.67 9.38
CA HIS A 268 -15.24 -11.71 9.31
C HIS A 268 -14.08 -11.34 10.18
N LEU A 269 -13.68 -10.08 10.14
CA LEU A 269 -12.64 -9.60 11.06
C LEU A 269 -13.04 -9.78 12.54
N LYS A 270 -14.35 -9.80 12.82
CA LYS A 270 -14.85 -10.10 14.16
C LYS A 270 -14.51 -11.53 14.57
N GLU A 271 -14.84 -12.48 13.70
CA GLU A 271 -14.61 -13.91 13.95
C GLU A 271 -13.12 -14.22 14.13
N ALA A 272 -12.26 -13.51 13.42
CA ALA A 272 -10.81 -13.70 13.58
C ALA A 272 -10.33 -13.49 15.02
N VAL A 273 -10.91 -12.52 15.73
CA VAL A 273 -10.50 -12.14 17.10
C VAL A 273 -8.98 -11.91 17.19
N LYS A 274 -8.45 -11.18 16.22
CA LYS A 274 -7.00 -11.10 16.05
C LYS A 274 -6.31 -10.42 17.19
N LYS A 275 -6.68 -9.18 17.38
CA LYS A 275 -6.03 -8.29 18.30
C LYS A 275 -6.39 -8.70 19.72
N ALA A 276 -7.67 -9.02 19.91
CA ALA A 276 -8.20 -9.54 21.13
C ALA A 276 -7.39 -10.71 21.64
N LYS A 277 -6.92 -11.57 20.74
CA LYS A 277 -6.15 -12.75 21.19
C LYS A 277 -4.79 -12.40 21.78
N LEU A 278 -4.56 -11.12 22.03
CA LEU A 278 -3.41 -10.70 22.82
C LEU A 278 -3.62 -9.48 23.74
N VAL A 279 -4.64 -8.66 23.49
CA VAL A 279 -4.90 -7.49 24.35
C VAL A 279 -6.40 -7.27 24.53
S SO4 B . 14.50 -14.08 -2.64
O1 SO4 B . 14.39 -15.33 -1.84
O2 SO4 B . 15.92 -13.84 -3.01
O3 SO4 B . 14.04 -12.95 -1.78
O4 SO4 B . 13.64 -14.23 -3.86
S SO4 C . 18.25 15.25 -27.84
O1 SO4 C . 17.52 15.64 -29.08
O2 SO4 C . 17.47 14.17 -27.20
O3 SO4 C . 18.35 16.40 -26.90
O4 SO4 C . 19.61 14.72 -28.21
S SO4 D . 0.81 -19.76 15.71
O1 SO4 D . 0.30 -21.12 15.40
O2 SO4 D . 1.76 -19.36 14.64
O3 SO4 D . 1.48 -19.75 17.04
O4 SO4 D . -0.35 -18.83 15.77
S SO4 E . 15.03 10.36 -21.88
O1 SO4 E . 14.80 11.37 -20.81
O2 SO4 E . 14.49 9.04 -21.44
O3 SO4 E . 16.48 10.33 -22.20
O4 SO4 E . 14.31 10.73 -23.10
S SO4 F . -1.83 2.46 28.95
O1 SO4 F . -0.77 3.46 28.77
O2 SO4 F . -3.16 3.09 28.73
O3 SO4 F . -1.75 1.91 30.33
O4 SO4 F . -1.65 1.33 28.00
S SO4 G . 2.93 -5.66 0.25
O1 SO4 G . 1.76 -4.98 -0.33
O2 SO4 G . 2.49 -6.77 1.12
O3 SO4 G . 3.75 -4.59 0.88
O4 SO4 G . 3.72 -6.34 -0.82
S SO4 H . 5.36 0.56 2.67
O1 SO4 H . 4.40 0.54 1.52
O2 SO4 H . 5.33 -0.76 3.34
O3 SO4 H . 4.93 1.62 3.59
O4 SO4 H . 6.75 0.89 2.26
CL CL I . -19.55 -6.03 14.15
C1 EDO J . 1.92 8.76 11.45
O1 EDO J . 0.97 9.66 12.07
C2 EDO J . 3.24 9.53 11.22
O2 EDO J . 3.71 9.78 12.59
#